data_8G36
#
_entry.id   8G36
#
_cell.length_a   44.317
_cell.length_b   51.413
_cell.length_c   78.909
_cell.angle_alpha   90.00
_cell.angle_beta   92.47
_cell.angle_gamma   90.00
#
_symmetry.space_group_name_H-M   'P 1 21 1'
#
loop_
_entity.id
_entity.type
_entity.pdbx_description
1 polymer 'Cytochrome P450'
2 non-polymer 'PROTOPORPHYRIN IX CONTAINING FE'
3 non-polymer 'terephthalic acid'
4 non-polymer 'CHLORIDE ION'
5 water water
#
_entity_poly.entity_id   1
_entity_poly.type   'polypeptide(L)'
_entity_poly.pdbx_seq_one_letter_code
;MISNSSAESISAPPNDSTIPHLAIDPFSLDFFDDPYPDQQTLRDAGPVVYLDKWNVYGVARYAEVHAVLNDPTTFCSSRG
VGLSDFKKEKPWRPPSLILEADPPAHTRPRAVLSKVLSPATMKTIRDGFAAAADAKVDELLQRGCIDAIADLAEAYPLSV
FPDAMGLKQEGREHLLPYAGLVLNAFGPPNELRQTAIERSAPHQAYVNEQCQRPNLAPGGFGACIHAFTDTGEITPDEAP
LLVRSLLSAGLDTTVNGIGAAVYCLARFPGELQRLRSDPTLARNAFEEAVRFESPVQTFFRTTTREVELGGAVIGEGEKV
LMFLGSANRDPRRWSDPDLYDITRKTSGHVGFGSGVHMCVGQLVARLEGEVMLSALARKVAAIDIDGPVKRRFNNTLRGL
ESLPVKLTPA
;
_entity_poly.pdbx_strand_id   A
#
# COMPACT_ATOMS: atom_id res chain seq x y z
N THR A 18 -25.91 21.43 5.16
CA THR A 18 -25.79 20.39 4.14
C THR A 18 -24.79 19.31 4.56
N ILE A 19 -23.54 19.72 4.66
CA ILE A 19 -22.42 18.81 4.93
C ILE A 19 -22.00 18.98 6.39
N PRO A 20 -21.97 17.90 7.18
CA PRO A 20 -21.53 18.04 8.56
C PRO A 20 -20.04 18.34 8.64
N HIS A 21 -19.69 19.22 9.57
CA HIS A 21 -18.31 19.61 9.80
C HIS A 21 -17.79 18.85 11.02
N LEU A 22 -16.59 18.30 10.91
CA LEU A 22 -16.00 17.51 11.98
C LEU A 22 -14.59 17.99 12.25
N ALA A 23 -14.20 17.93 13.53
CA ALA A 23 -12.88 18.36 13.96
C ALA A 23 -11.89 17.22 14.08
N ILE A 24 -12.28 16.01 13.67
CA ILE A 24 -11.40 14.86 13.74
C ILE A 24 -10.21 15.06 12.81
N ASP A 25 -9.00 14.86 13.34
CA ASP A 25 -7.78 14.92 12.56
C ASP A 25 -7.39 13.49 12.17
N PRO A 26 -7.68 13.04 10.94
CA PRO A 26 -7.31 11.68 10.55
C PRO A 26 -5.81 11.48 10.36
N PHE A 27 -5.00 12.49 10.65
CA PHE A 27 -3.54 12.37 10.52
C PHE A 27 -2.83 12.66 11.84
N SER A 28 -3.54 12.51 12.97
CA SER A 28 -2.96 12.67 14.29
C SER A 28 -2.55 11.31 14.85
N LEU A 29 -1.66 11.34 15.84
CA LEU A 29 -1.19 10.10 16.44
C LEU A 29 -2.31 9.38 17.19
N ASP A 30 -3.24 10.14 17.80
CA ASP A 30 -4.38 9.50 18.46
C ASP A 30 -5.30 8.83 17.45
N PHE A 31 -5.32 9.30 16.20
CA PHE A 31 -6.11 8.64 15.16
C PHE A 31 -5.41 7.40 14.64
N PHE A 32 -4.10 7.48 14.39
CA PHE A 32 -3.37 6.30 13.93
C PHE A 32 -3.39 5.19 14.97
N ASP A 33 -3.42 5.55 16.25
CA ASP A 33 -3.35 4.55 17.31
C ASP A 33 -4.62 3.71 17.37
N ASP A 34 -5.77 4.29 17.03
CA ASP A 34 -7.05 3.58 17.06
C ASP A 34 -8.04 4.30 16.17
N PRO A 35 -8.03 4.04 14.86
CA PRO A 35 -8.87 4.82 13.94
C PRO A 35 -10.30 4.35 13.82
N TYR A 36 -10.61 3.15 14.30
CA TYR A 36 -11.89 2.52 14.01
C TYR A 36 -13.08 3.26 14.64
N PRO A 37 -13.00 3.72 15.90
CA PRO A 37 -14.12 4.53 16.42
C PRO A 37 -14.35 5.81 15.65
N ASP A 38 -13.29 6.55 15.33
CA ASP A 38 -13.45 7.78 14.56
C ASP A 38 -13.90 7.49 13.14
N GLN A 39 -13.56 6.32 12.58
CA GLN A 39 -13.99 5.98 11.23
C GLN A 39 -15.49 5.69 11.17
N GLN A 40 -16.06 5.11 12.24
CA GLN A 40 -17.51 4.96 12.29
C GLN A 40 -18.19 6.32 12.43
N THR A 41 -17.62 7.21 13.24
CA THR A 41 -18.14 8.57 13.34
C THR A 41 -18.13 9.26 11.99
N LEU A 42 -17.11 9.00 11.17
CA LEU A 42 -17.03 9.61 9.85
C LEU A 42 -18.07 9.02 8.91
N ARG A 43 -18.29 7.70 8.98
CA ARG A 43 -19.28 7.05 8.12
C ARG A 43 -20.70 7.45 8.50
N ASP A 44 -21.00 7.44 9.81
CA ASP A 44 -22.36 7.69 10.26
C ASP A 44 -22.74 9.17 10.20
N ALA A 45 -21.77 10.07 10.14
CA ALA A 45 -22.09 11.49 10.05
C ALA A 45 -22.77 11.82 8.73
N GLY A 46 -22.52 11.04 7.68
CA GLY A 46 -23.07 11.29 6.38
C GLY A 46 -22.18 10.76 5.29
N PRO A 47 -22.68 10.74 4.05
CA PRO A 47 -21.85 10.26 2.93
C PRO A 47 -20.70 11.19 2.61
N VAL A 48 -20.84 12.49 2.85
CA VAL A 48 -19.78 13.47 2.61
C VAL A 48 -19.64 14.34 3.84
N VAL A 49 -18.43 14.43 4.37
CA VAL A 49 -18.14 15.27 5.52
C VAL A 49 -17.10 16.31 5.11
N TYR A 50 -16.98 17.33 5.95
CA TYR A 50 -15.94 18.35 5.81
C TYR A 50 -15.07 18.33 7.07
N LEU A 51 -13.75 18.22 6.88
CA LEU A 51 -12.80 18.14 7.98
C LEU A 51 -12.17 19.52 8.16
N ASP A 52 -12.65 20.25 9.18
CA ASP A 52 -12.19 21.61 9.42
C ASP A 52 -10.69 21.70 9.71
N LYS A 53 -10.08 20.61 10.20
CA LYS A 53 -8.67 20.68 10.57
C LYS A 53 -7.78 20.99 9.37
N TRP A 54 -8.12 20.46 8.20
CA TRP A 54 -7.30 20.62 7.01
C TRP A 54 -8.07 21.23 5.83
N ASN A 55 -9.32 21.64 6.04
CA ASN A 55 -10.15 22.24 5.00
C ASN A 55 -10.25 21.33 3.78
N VAL A 56 -10.72 20.11 4.01
CA VAL A 56 -10.86 19.11 2.96
C VAL A 56 -12.20 18.41 3.12
N TYR A 57 -12.68 17.87 2.02
CA TYR A 57 -13.84 16.99 2.04
C TYR A 57 -13.40 15.57 2.33
N GLY A 58 -14.26 14.81 2.99
CA GLY A 58 -13.95 13.44 3.36
C GLY A 58 -15.12 12.54 3.08
N VAL A 59 -14.82 11.32 2.61
CA VAL A 59 -15.80 10.28 2.39
C VAL A 59 -15.27 9.00 3.02
N ALA A 60 -16.07 8.38 3.89
CA ALA A 60 -15.64 7.21 4.65
C ALA A 60 -16.44 5.95 4.36
N ARG A 61 -17.58 6.05 3.67
CA ARG A 61 -18.36 4.86 3.34
C ARG A 61 -17.84 4.22 2.06
N TYR A 62 -18.13 2.93 1.92
CA TYR A 62 -17.67 2.19 0.74
C TYR A 62 -18.24 2.78 -0.54
N ALA A 63 -19.52 3.15 -0.53
CA ALA A 63 -20.18 3.60 -1.75
C ALA A 63 -19.50 4.84 -2.33
N GLU A 64 -19.24 5.84 -1.48
CA GLU A 64 -18.66 7.09 -1.98
C GLU A 64 -17.19 6.92 -2.32
N VAL A 65 -16.45 6.15 -1.51
CA VAL A 65 -15.05 5.88 -1.81
C VAL A 65 -14.92 5.19 -3.17
N HIS A 66 -15.80 4.21 -3.43
CA HIS A 66 -15.75 3.50 -4.70
C HIS A 66 -16.14 4.41 -5.86
N ALA A 67 -17.10 5.31 -5.64
CA ALA A 67 -17.52 6.20 -6.73
C ALA A 67 -16.44 7.20 -7.08
N VAL A 68 -15.73 7.73 -6.09
CA VAL A 68 -14.69 8.71 -6.36
C VAL A 68 -13.53 8.07 -7.12
N LEU A 69 -13.14 6.85 -6.72
CA LEU A 69 -12.04 6.17 -7.40
C LEU A 69 -12.35 5.87 -8.85
N ASN A 70 -13.61 5.59 -9.17
CA ASN A 70 -14.00 5.20 -10.53
C ASN A 70 -14.51 6.37 -11.37
N ASP A 71 -14.30 7.60 -10.92
CA ASP A 71 -14.58 8.80 -11.70
C ASP A 71 -13.28 9.60 -11.76
N PRO A 72 -12.33 9.19 -12.60
CA PRO A 72 -11.05 9.92 -12.67
C PRO A 72 -11.16 11.28 -13.33
N THR A 73 -12.20 11.52 -14.13
CA THR A 73 -12.35 12.82 -14.79
C THR A 73 -12.74 13.89 -13.79
N THR A 74 -13.73 13.61 -12.94
CA THR A 74 -14.19 14.59 -11.97
C THR A 74 -13.23 14.70 -10.78
N PHE A 75 -12.71 13.57 -10.31
CA PHE A 75 -11.80 13.53 -9.17
C PHE A 75 -10.40 13.20 -9.69
N CYS A 76 -9.66 14.23 -10.07
CA CYS A 76 -8.40 14.04 -10.80
C CYS A 76 -7.29 13.59 -9.86
N SER A 77 -6.23 13.08 -10.46
CA SER A 77 -5.02 12.73 -9.73
C SER A 77 -3.82 13.58 -10.10
N SER A 78 -3.88 14.38 -11.17
CA SER A 78 -2.73 15.16 -11.62
C SER A 78 -2.45 16.35 -10.72
N ARG A 79 -3.41 16.78 -9.91
CA ARG A 79 -3.18 17.84 -8.93
C ARG A 79 -2.75 17.29 -7.57
N GLY A 80 -2.29 16.05 -7.53
CA GLY A 80 -1.77 15.46 -6.31
C GLY A 80 -2.72 14.50 -5.64
N VAL A 81 -2.21 13.32 -5.23
CA VAL A 81 -3.00 12.39 -4.43
C VAL A 81 -2.78 12.61 -2.94
N GLY A 82 -2.02 13.63 -2.56
CA GLY A 82 -1.91 14.05 -1.18
C GLY A 82 -2.74 15.29 -0.89
N LEU A 83 -2.49 15.87 0.28
CA LEU A 83 -3.22 17.07 0.66
C LEU A 83 -2.85 18.25 -0.24
N SER A 84 -1.55 18.42 -0.53
CA SER A 84 -1.11 19.59 -1.28
C SER A 84 -1.66 19.56 -2.70
N ASP A 85 -2.10 20.72 -3.17
CA ASP A 85 -2.62 20.89 -4.52
C ASP A 85 -1.48 21.34 -5.43
N PHE A 86 -1.14 20.51 -6.41
CA PHE A 86 -0.02 20.83 -7.30
C PHE A 86 -0.29 22.07 -8.14
N LYS A 87 -1.56 22.42 -8.33
CA LYS A 87 -1.91 23.68 -8.99
C LYS A 87 -1.64 24.89 -8.09
N LYS A 88 -1.46 24.68 -6.79
CA LYS A 88 -1.20 25.75 -5.85
C LYS A 88 0.19 25.72 -5.24
N GLU A 89 0.77 24.54 -5.03
CA GLU A 89 2.11 24.40 -4.48
C GLU A 89 2.94 23.52 -5.40
N LYS A 90 4.25 23.68 -5.29
CA LYS A 90 5.12 22.80 -6.06
C LYS A 90 5.33 21.49 -5.31
N PRO A 91 5.32 20.36 -6.01
CA PRO A 91 5.51 19.07 -5.33
C PRO A 91 6.94 18.93 -4.82
N TRP A 92 7.07 18.24 -3.69
CA TRP A 92 8.39 18.05 -3.09
C TRP A 92 9.35 17.28 -3.99
N ARG A 93 8.82 16.50 -4.91
CA ARG A 93 9.60 15.78 -5.90
C ARG A 93 8.88 15.89 -7.23
N PRO A 94 9.58 15.66 -8.35
CA PRO A 94 8.90 15.63 -9.65
C PRO A 94 7.73 14.66 -9.62
N PRO A 95 6.59 15.05 -10.17
CA PRO A 95 5.38 14.22 -10.05
C PRO A 95 5.55 12.86 -10.71
N SER A 96 4.92 11.85 -10.13
CA SER A 96 4.94 10.51 -10.71
C SER A 96 4.19 10.52 -12.03
N LEU A 97 4.77 9.84 -13.02
CA LEU A 97 4.18 9.80 -14.35
C LEU A 97 2.97 8.86 -14.44
N ILE A 98 2.62 8.17 -13.36
CA ILE A 98 1.48 7.24 -13.41
C ILE A 98 0.53 7.51 -12.26
N LEU A 99 1.06 7.62 -11.03
CA LEU A 99 0.18 7.85 -9.88
C LEU A 99 -0.43 9.24 -9.92
N GLU A 100 0.37 10.25 -10.26
CA GLU A 100 -0.07 11.64 -10.28
C GLU A 100 -0.34 12.14 -11.69
N ALA A 101 -0.99 11.32 -12.51
CA ALA A 101 -1.38 11.70 -13.86
C ALA A 101 -2.79 11.22 -14.13
N ASP A 102 -3.45 11.88 -15.06
CA ASP A 102 -4.79 11.52 -15.50
C ASP A 102 -4.76 11.01 -16.93
N PRO A 103 -5.77 10.25 -17.34
CA PRO A 103 -5.87 9.89 -18.75
C PRO A 103 -6.00 11.13 -19.60
N PRO A 104 -5.44 11.12 -20.83
CA PRO A 104 -4.74 9.98 -21.43
C PRO A 104 -3.25 9.93 -21.12
N ALA A 105 -2.73 10.95 -20.42
CA ALA A 105 -1.32 10.96 -20.06
C ALA A 105 -0.94 9.79 -19.15
N HIS A 106 -1.91 9.25 -18.41
CA HIS A 106 -1.67 8.12 -17.53
C HIS A 106 -1.68 6.79 -18.27
N THR A 107 -2.32 6.74 -19.45
CA THR A 107 -2.66 5.46 -20.08
C THR A 107 -1.42 4.66 -20.49
N ARG A 108 -0.55 5.27 -21.29
CA ARG A 108 0.57 4.51 -21.84
C ARG A 108 1.62 4.16 -20.78
N PRO A 109 1.98 5.06 -19.86
CA PRO A 109 2.86 4.62 -18.76
C PRO A 109 2.23 3.57 -17.87
N ARG A 110 0.91 3.60 -17.70
CA ARG A 110 0.24 2.54 -16.96
C ARG A 110 0.31 1.21 -17.72
N ALA A 111 0.11 1.26 -19.04
CA ALA A 111 0.15 0.05 -19.84
C ALA A 111 1.53 -0.61 -19.81
N VAL A 112 2.59 0.19 -19.73
CA VAL A 112 3.95 -0.35 -19.67
C VAL A 112 4.18 -1.06 -18.35
N LEU A 113 3.88 -0.39 -17.24
CA LEU A 113 4.05 -1.00 -15.93
C LEU A 113 3.20 -2.25 -15.77
N SER A 114 2.01 -2.27 -16.38
CA SER A 114 1.16 -3.46 -16.29
C SER A 114 1.77 -4.63 -17.05
N LYS A 115 2.58 -4.35 -18.09
CA LYS A 115 3.28 -5.42 -18.79
C LYS A 115 4.59 -5.80 -18.09
N VAL A 116 5.25 -4.84 -17.42
CA VAL A 116 6.43 -5.18 -16.65
C VAL A 116 6.07 -6.11 -15.48
N LEU A 117 4.96 -5.83 -14.81
CA LEU A 117 4.49 -6.65 -13.69
C LEU A 117 3.30 -7.50 -14.11
N SER A 118 3.43 -8.14 -15.27
CA SER A 118 2.33 -8.83 -15.92
C SER A 118 2.13 -10.20 -15.31
N PRO A 119 1.04 -10.88 -15.65
CA PRO A 119 0.91 -12.30 -15.28
C PRO A 119 2.04 -13.16 -15.81
N ALA A 120 2.54 -12.88 -17.02
CA ALA A 120 3.65 -13.65 -17.56
C ALA A 120 4.93 -13.37 -16.79
N THR A 121 5.08 -12.18 -16.21
CA THR A 121 6.25 -11.89 -15.41
C THR A 121 6.23 -12.65 -14.09
N MET A 122 5.04 -12.84 -13.51
CA MET A 122 4.95 -13.56 -12.23
C MET A 122 5.40 -15.00 -12.36
N LYS A 123 5.27 -15.60 -13.55
CA LYS A 123 5.69 -16.98 -13.72
C LYS A 123 7.20 -17.13 -13.63
N THR A 124 7.95 -16.13 -14.10
CA THR A 124 9.41 -16.21 -14.05
C THR A 124 9.96 -16.01 -12.64
N ILE A 125 9.22 -15.37 -11.75
CA ILE A 125 9.71 -15.04 -10.42
C ILE A 125 9.05 -15.85 -9.31
N ARG A 126 7.97 -16.56 -9.59
CA ARG A 126 7.21 -17.21 -8.51
C ARG A 126 8.04 -18.24 -7.77
N ASP A 127 8.79 -19.07 -8.50
CA ASP A 127 9.56 -20.15 -7.85
C ASP A 127 10.62 -19.59 -6.92
N GLY A 128 11.34 -18.55 -7.36
CA GLY A 128 12.33 -17.93 -6.51
C GLY A 128 11.70 -17.20 -5.33
N PHE A 129 10.55 -16.58 -5.56
CA PHE A 129 9.83 -15.94 -4.46
C PHE A 129 9.33 -16.97 -3.45
N ALA A 130 8.85 -18.11 -3.93
CA ALA A 130 8.35 -19.14 -3.03
C ALA A 130 9.48 -19.81 -2.26
N ALA A 131 10.60 -20.09 -2.94
CA ALA A 131 11.72 -20.73 -2.27
C ALA A 131 12.29 -19.83 -1.17
N ALA A 132 12.42 -18.53 -1.45
CA ALA A 132 12.91 -17.60 -0.43
C ALA A 132 11.93 -17.46 0.72
N ALA A 133 10.63 -17.64 0.46
CA ALA A 133 9.65 -17.62 1.54
C ALA A 133 9.78 -18.85 2.42
N ASP A 134 9.95 -20.03 1.81
CA ASP A 134 10.12 -21.25 2.61
C ASP A 134 11.40 -21.21 3.42
N ALA A 135 12.47 -20.68 2.83
CA ALA A 135 13.75 -20.61 3.53
C ALA A 135 13.70 -19.63 4.70
N LYS A 136 12.94 -18.55 4.57
CA LYS A 136 12.84 -17.58 5.66
C LYS A 136 12.09 -18.15 6.85
N VAL A 137 10.99 -18.88 6.59
CA VAL A 137 10.23 -19.49 7.68
C VAL A 137 11.05 -20.58 8.35
N ASP A 138 11.83 -21.33 7.58
CA ASP A 138 12.74 -22.31 8.16
C ASP A 138 13.77 -21.63 9.05
N GLU A 139 14.32 -20.49 8.59
CA GLU A 139 15.30 -19.77 9.39
C GLU A 139 14.68 -19.24 10.68
N LEU A 140 13.45 -18.73 10.60
CA LEU A 140 12.80 -18.15 11.78
C LEU A 140 12.39 -19.23 12.78
N LEU A 141 12.08 -20.43 12.30
CA LEU A 141 11.72 -21.52 13.22
C LEU A 141 12.91 -21.98 14.03
N GLN A 142 14.13 -21.80 13.52
CA GLN A 142 15.32 -22.11 14.28
C GLN A 142 15.56 -21.11 15.40
N ARG A 143 15.03 -19.90 15.28
CA ARG A 143 15.17 -18.90 16.33
C ARG A 143 14.03 -18.93 17.34
N GLY A 144 12.85 -19.42 16.95
CA GLY A 144 11.73 -19.49 17.86
C GLY A 144 11.06 -18.15 18.08
N CYS A 145 11.62 -17.33 18.96
CA CYS A 145 11.07 -16.02 19.27
C CYS A 145 11.73 -14.98 18.37
N ILE A 146 10.93 -14.34 17.51
CA ILE A 146 11.42 -13.40 16.52
C ILE A 146 10.54 -12.16 16.53
N ASP A 147 10.97 -11.16 15.77
CA ASP A 147 10.18 -9.96 15.51
C ASP A 147 9.54 -10.14 14.13
N ALA A 148 8.22 -10.33 14.12
CA ALA A 148 7.52 -10.60 12.86
C ALA A 148 7.59 -9.42 11.90
N ILE A 149 8.03 -8.25 12.34
CA ILE A 149 8.18 -7.11 11.44
C ILE A 149 9.57 -7.15 10.82
N ALA A 150 10.60 -6.92 11.63
CA ALA A 150 11.96 -6.83 11.11
C ALA A 150 12.43 -8.15 10.51
N ASP A 151 12.14 -9.26 11.19
CA ASP A 151 12.67 -10.56 10.78
C ASP A 151 11.77 -11.30 9.81
N LEU A 152 10.58 -10.78 9.51
CA LEU A 152 9.68 -11.44 8.59
C LEU A 152 9.05 -10.45 7.62
N ALA A 153 8.25 -9.51 8.15
CA ALA A 153 7.55 -8.56 7.30
C ALA A 153 8.52 -7.70 6.51
N GLU A 154 9.65 -7.32 7.12
CA GLU A 154 10.67 -6.54 6.43
C GLU A 154 11.70 -7.43 5.74
N ALA A 155 12.16 -8.48 6.41
CA ALA A 155 13.29 -9.26 5.89
C ALA A 155 12.94 -9.98 4.60
N TYR A 156 11.72 -10.50 4.48
CA TYR A 156 11.39 -11.30 3.30
C TYR A 156 11.25 -10.45 2.04
N PRO A 157 10.45 -9.37 2.01
CA PRO A 157 10.41 -8.54 0.79
C PRO A 157 11.76 -7.92 0.45
N LEU A 158 12.55 -7.55 1.46
CA LEU A 158 13.90 -7.06 1.20
C LEU A 158 14.79 -8.12 0.59
N SER A 159 14.40 -9.39 0.69
CA SER A 159 15.17 -10.50 0.17
C SER A 159 14.80 -10.89 -1.26
N VAL A 160 13.70 -10.36 -1.79
CA VAL A 160 13.23 -10.78 -3.11
C VAL A 160 13.00 -9.58 -4.02
N PHE A 161 12.45 -8.48 -3.47
CA PHE A 161 12.05 -7.37 -4.34
C PHE A 161 13.23 -6.60 -4.90
N PRO A 162 14.21 -6.15 -4.09
CA PRO A 162 15.35 -5.44 -4.70
C PRO A 162 16.08 -6.25 -5.75
N ASP A 163 16.15 -7.58 -5.59
CA ASP A 163 16.75 -8.41 -6.64
C ASP A 163 15.86 -8.46 -7.88
N ALA A 164 14.55 -8.60 -7.69
CA ALA A 164 13.64 -8.59 -8.83
C ALA A 164 13.64 -7.24 -9.54
N MET A 165 13.92 -6.15 -8.81
CA MET A 165 14.04 -4.85 -9.45
C MET A 165 15.33 -4.75 -10.26
N GLY A 166 16.35 -5.54 -9.90
CA GLY A 166 17.65 -5.42 -10.51
C GLY A 166 18.57 -4.43 -9.83
N LEU A 167 18.36 -4.17 -8.54
CA LEU A 167 19.17 -3.21 -7.82
C LEU A 167 20.48 -3.83 -7.36
N LYS A 168 21.52 -3.01 -7.30
CA LYS A 168 22.78 -3.42 -6.72
C LYS A 168 22.63 -3.62 -5.21
N GLN A 169 23.61 -4.28 -4.62
CA GLN A 169 23.55 -4.58 -3.19
C GLN A 169 23.75 -3.32 -2.35
N GLU A 170 24.68 -2.47 -2.74
CA GLU A 170 25.02 -1.29 -1.93
C GLU A 170 23.87 -0.28 -1.93
N GLY A 171 23.65 0.35 -0.78
CA GLY A 171 22.69 1.42 -0.66
C GLY A 171 21.25 0.98 -0.47
N ARG A 172 20.98 -0.33 -0.36
CA ARG A 172 19.61 -0.79 -0.18
C ARG A 172 19.01 -0.34 1.15
N GLU A 173 19.83 0.15 2.09
CA GLU A 173 19.31 0.68 3.34
C GLU A 173 18.53 1.97 3.14
N HIS A 174 18.59 2.59 1.95
CA HIS A 174 17.82 3.78 1.65
C HIS A 174 16.40 3.47 1.17
N LEU A 175 16.11 2.22 0.82
CA LEU A 175 14.85 1.90 0.16
C LEU A 175 13.66 2.10 1.09
N LEU A 176 13.66 1.45 2.25
CA LEU A 176 12.55 1.61 3.18
C LEU A 176 12.43 3.03 3.70
N PRO A 177 13.51 3.73 4.11
CA PRO A 177 13.34 5.14 4.50
C PRO A 177 12.75 6.01 3.40
N TYR A 178 13.13 5.76 2.15
CA TYR A 178 12.58 6.54 1.05
C TYR A 178 11.08 6.27 0.85
N ALA A 179 10.67 5.00 1.00
CA ALA A 179 9.27 4.66 0.82
C ALA A 179 8.40 5.29 1.90
N GLY A 180 8.85 5.23 3.16
CA GLY A 180 8.11 5.87 4.23
C GLY A 180 8.03 7.37 4.07
N LEU A 181 9.07 7.98 3.50
CA LEU A 181 9.04 9.41 3.22
C LEU A 181 7.98 9.76 2.18
N VAL A 182 7.91 8.98 1.10
CA VAL A 182 6.94 9.25 0.05
C VAL A 182 5.52 9.16 0.60
N LEU A 183 5.24 8.14 1.41
CA LEU A 183 3.89 7.97 1.92
C LEU A 183 3.57 8.99 3.02
N ASN A 184 4.57 9.41 3.79
CA ASN A 184 4.36 10.47 4.77
C ASN A 184 4.15 11.82 4.09
N ALA A 185 4.73 12.02 2.91
CA ALA A 185 4.59 13.29 2.21
C ALA A 185 3.20 13.48 1.60
N PHE A 186 2.42 12.40 1.45
CA PHE A 186 1.04 12.54 1.00
C PHE A 186 0.17 13.23 2.04
N GLY A 187 0.58 13.24 3.30
CA GLY A 187 -0.23 13.81 4.37
C GLY A 187 -0.16 15.31 4.44
N PRO A 188 -0.72 15.87 5.51
CA PRO A 188 -0.66 17.32 5.71
C PRO A 188 0.73 17.73 6.17
N PRO A 189 1.03 19.03 6.19
CA PRO A 189 2.33 19.46 6.73
C PRO A 189 2.40 19.38 8.24
N ASN A 190 2.14 18.20 8.79
CA ASN A 190 2.37 17.96 10.21
C ASN A 190 3.84 17.63 10.43
N GLU A 191 4.22 17.34 11.67
CA GLU A 191 5.63 17.04 11.92
C GLU A 191 6.06 15.76 11.21
N LEU A 192 5.18 14.76 11.12
CA LEU A 192 5.53 13.51 10.45
C LEU A 192 6.00 13.76 9.02
N ARG A 193 5.27 14.60 8.28
CA ARG A 193 5.64 14.90 6.90
C ARG A 193 6.88 15.77 6.84
N GLN A 194 6.96 16.79 7.71
CA GLN A 194 8.06 17.74 7.64
C GLN A 194 9.36 17.11 8.12
N THR A 195 9.33 16.28 9.17
CA THR A 195 10.56 15.63 9.61
C THR A 195 11.05 14.65 8.56
N ALA A 196 10.13 14.04 7.80
CA ALA A 196 10.54 13.10 6.75
C ALA A 196 11.21 13.84 5.60
N ILE A 197 10.62 14.95 5.16
CA ILE A 197 11.21 15.74 4.08
C ILE A 197 12.54 16.32 4.51
N GLU A 198 12.65 16.77 5.77
CA GLU A 198 13.90 17.31 6.31
C GLU A 198 15.00 16.27 6.48
N ARG A 199 14.76 15.02 6.06
CA ARG A 199 15.77 13.96 6.12
C ARG A 199 15.87 13.22 4.79
N SER A 200 15.49 13.87 3.69
CA SER A 200 15.21 13.16 2.44
C SER A 200 16.38 13.16 1.45
N ALA A 201 17.31 14.11 1.55
CA ALA A 201 18.33 14.27 0.53
C ALA A 201 19.15 13.02 0.27
N PRO A 202 19.63 12.27 1.29
CA PRO A 202 20.38 11.05 0.97
C PRO A 202 19.52 9.98 0.31
N HIS A 203 18.26 9.83 0.74
CA HIS A 203 17.41 8.81 0.17
C HIS A 203 16.98 9.17 -1.26
N GLN A 204 16.77 10.45 -1.53
CA GLN A 204 16.41 10.86 -2.88
C GLN A 204 17.56 10.63 -3.86
N ALA A 205 18.79 10.94 -3.44
CA ALA A 205 19.93 10.82 -4.33
C ALA A 205 20.19 9.37 -4.72
N TYR A 206 20.09 8.44 -3.77
CA TYR A 206 20.31 7.03 -4.07
C TYR A 206 19.26 6.51 -5.04
N VAL A 207 17.98 6.77 -4.76
CA VAL A 207 16.91 6.22 -5.58
C VAL A 207 16.97 6.76 -7.00
N ASN A 208 17.20 8.07 -7.14
CA ASN A 208 17.28 8.66 -8.46
C ASN A 208 18.42 8.06 -9.28
N GLU A 209 19.53 7.68 -8.63
CA GLU A 209 20.66 7.14 -9.35
C GLU A 209 20.41 5.70 -9.79
N GLN A 210 19.75 4.90 -8.96
CA GLN A 210 19.49 3.51 -9.34
C GLN A 210 18.42 3.39 -10.42
N CYS A 211 17.67 4.46 -10.68
CA CYS A 211 16.65 4.47 -11.73
C CYS A 211 17.25 4.59 -13.11
N GLN A 212 18.53 4.95 -13.22
CA GLN A 212 19.18 5.07 -14.51
C GLN A 212 19.50 3.70 -15.07
N ARG A 213 19.38 3.58 -16.39
CA ARG A 213 19.54 2.29 -17.05
C ARG A 213 20.83 1.55 -16.73
N PRO A 214 22.01 2.19 -16.67
CA PRO A 214 23.23 1.42 -16.40
C PRO A 214 23.26 0.74 -15.04
N ASN A 215 22.43 1.18 -14.09
CA ASN A 215 22.45 0.65 -12.74
C ASN A 215 21.40 -0.42 -12.48
N LEU A 216 20.64 -0.81 -13.52
CA LEU A 216 19.57 -1.79 -13.37
C LEU A 216 20.01 -3.10 -14.04
N ALA A 217 20.08 -4.17 -13.25
CA ALA A 217 20.56 -5.44 -13.74
C ALA A 217 19.61 -6.02 -14.80
N PRO A 218 20.16 -6.70 -15.81
CA PRO A 218 19.31 -7.23 -16.89
C PRO A 218 18.32 -8.26 -16.36
N GLY A 219 17.11 -8.22 -16.92
CA GLY A 219 16.04 -9.10 -16.52
C GLY A 219 15.16 -8.58 -15.40
N GLY A 220 15.63 -7.61 -14.63
CA GLY A 220 14.86 -7.06 -13.54
C GLY A 220 13.71 -6.19 -14.00
N PHE A 221 12.90 -5.77 -13.04
CA PHE A 221 11.78 -4.88 -13.35
C PHE A 221 12.28 -3.57 -13.93
N GLY A 222 13.32 -2.99 -13.34
CA GLY A 222 13.82 -1.71 -13.81
C GLY A 222 14.36 -1.77 -15.22
N ALA A 223 15.12 -2.82 -15.53
CA ALA A 223 15.63 -2.98 -16.90
C ALA A 223 14.51 -3.23 -17.88
N CYS A 224 13.46 -3.95 -17.46
CA CYS A 224 12.32 -4.19 -18.34
CA CYS A 224 12.32 -4.18 -18.34
C CYS A 224 11.58 -2.90 -18.69
N ILE A 225 11.55 -1.94 -17.76
CA ILE A 225 10.91 -0.66 -18.04
C ILE A 225 11.67 0.10 -19.11
N HIS A 226 13.00 0.15 -18.98
CA HIS A 226 13.81 0.84 -19.98
C HIS A 226 13.69 0.20 -21.35
N ALA A 227 13.49 -1.12 -21.41
CA ALA A 227 13.33 -1.79 -22.69
C ALA A 227 12.00 -1.48 -23.35
N PHE A 228 11.04 -0.89 -22.63
CA PHE A 228 9.76 -0.52 -23.18
C PHE A 228 9.75 0.88 -23.78
N THR A 229 10.90 1.53 -23.84
CA THR A 229 11.00 2.83 -24.49
C THR A 229 11.02 2.72 -26.02
N ASP A 230 11.17 1.51 -26.55
CA ASP A 230 11.23 1.30 -27.99
C ASP A 230 9.86 1.42 -28.65
N THR A 231 8.79 1.13 -27.92
CA THR A 231 7.48 0.87 -28.52
C THR A 231 6.70 2.14 -28.82
N GLY A 232 7.12 3.29 -28.30
CA GLY A 232 6.33 4.50 -28.43
C GLY A 232 5.31 4.70 -27.34
N GLU A 233 5.33 3.88 -26.30
CA GLU A 233 4.46 4.09 -25.15
C GLU A 233 5.10 5.04 -24.13
N ILE A 234 6.40 4.89 -23.89
CA ILE A 234 7.17 5.81 -23.05
C ILE A 234 8.44 6.18 -23.79
N THR A 235 8.98 7.34 -23.47
CA THR A 235 10.25 7.76 -24.03
C THR A 235 11.38 7.39 -23.08
N PRO A 236 12.63 7.38 -23.58
CA PRO A 236 13.76 7.10 -22.68
C PRO A 236 13.83 8.00 -21.46
N ASP A 237 13.42 9.26 -21.58
CA ASP A 237 13.45 10.15 -20.43
C ASP A 237 12.33 9.90 -19.43
N GLU A 238 11.34 9.07 -19.79
CA GLU A 238 10.27 8.70 -18.86
C GLU A 238 10.60 7.47 -18.04
N ALA A 239 11.48 6.60 -18.53
CA ALA A 239 11.78 5.36 -17.82
C ALA A 239 12.30 5.55 -16.40
N PRO A 240 13.24 6.47 -16.12
CA PRO A 240 13.72 6.60 -14.73
C PRO A 240 12.62 6.93 -13.73
N LEU A 241 11.65 7.76 -14.11
CA LEU A 241 10.57 8.09 -13.18
C LEU A 241 9.64 6.92 -12.95
N LEU A 242 9.45 6.06 -13.96
CA LEU A 242 8.62 4.88 -13.77
C LEU A 242 9.34 3.83 -12.93
N VAL A 243 10.67 3.80 -12.98
CA VAL A 243 11.39 2.95 -12.05
C VAL A 243 11.27 3.50 -10.64
N ARG A 244 11.27 4.84 -10.50
CA ARG A 244 11.12 5.46 -9.19
C ARG A 244 9.81 5.09 -8.53
N SER A 245 8.74 4.93 -9.33
CA SER A 245 7.44 4.54 -8.79
C SER A 245 7.49 3.14 -8.16
N LEU A 246 8.21 2.21 -8.79
CA LEU A 246 8.32 0.87 -8.23
C LEU A 246 9.14 0.88 -6.94
N LEU A 247 10.18 1.72 -6.87
CA LEU A 247 10.94 1.84 -5.65
C LEU A 247 10.19 2.58 -4.57
N SER A 248 9.16 3.35 -4.93
CA SER A 248 8.40 4.11 -3.94
C SER A 248 7.19 3.37 -3.42
N ALA A 249 6.65 2.41 -4.19
CA ALA A 249 5.40 1.77 -3.84
C ALA A 249 5.47 0.25 -3.76
N GLY A 250 6.58 -0.36 -4.16
CA GLY A 250 6.67 -1.81 -4.26
C GLY A 250 7.33 -2.52 -3.10
N LEU A 251 7.63 -1.83 -2.00
CA LEU A 251 8.34 -2.47 -0.91
C LEU A 251 7.62 -2.29 0.42
N ASP A 252 7.47 -1.03 0.86
CA ASP A 252 6.90 -0.79 2.19
C ASP A 252 5.42 -1.14 2.23
N THR A 253 4.72 -1.04 1.10
CA THR A 253 3.34 -1.49 1.03
C THR A 253 3.23 -2.98 1.33
N THR A 254 4.10 -3.77 0.70
CA THR A 254 4.07 -5.22 0.91
C THR A 254 4.52 -5.61 2.31
N VAL A 255 5.44 -4.84 2.90
CA VAL A 255 5.92 -5.15 4.25
C VAL A 255 4.76 -5.10 5.23
N ASN A 256 4.00 -4.00 5.21
CA ASN A 256 2.88 -3.86 6.14
C ASN A 256 1.72 -4.78 5.80
N GLY A 257 1.58 -5.18 4.54
CA GLY A 257 0.56 -6.16 4.20
C GLY A 257 0.88 -7.53 4.77
N ILE A 258 2.13 -7.97 4.61
CA ILE A 258 2.52 -9.25 5.21
C ILE A 258 2.56 -9.14 6.73
N GLY A 259 3.00 -7.99 7.24
CA GLY A 259 2.92 -7.77 8.68
C GLY A 259 1.49 -7.80 9.20
N ALA A 260 0.55 -7.30 8.39
CA ALA A 260 -0.86 -7.36 8.76
C ALA A 260 -1.36 -8.79 8.78
N ALA A 261 -0.95 -9.60 7.80
CA ALA A 261 -1.41 -10.98 7.72
C ALA A 261 -0.94 -11.79 8.92
N VAL A 262 0.34 -11.65 9.30
CA VAL A 262 0.84 -12.35 10.47
C VAL A 262 0.17 -11.84 11.73
N TYR A 263 -0.11 -10.53 11.78
CA TYR A 263 -0.78 -9.95 12.94
C TYR A 263 -2.16 -10.57 13.13
N CYS A 264 -2.94 -10.67 12.04
CA CYS A 264 -4.27 -11.26 12.13
C CYS A 264 -4.19 -12.73 12.50
N LEU A 265 -3.26 -13.46 11.88
CA LEU A 265 -3.09 -14.87 12.22
C LEU A 265 -2.65 -15.05 13.66
N ALA A 266 -2.00 -14.04 14.23
CA ALA A 266 -1.64 -14.07 15.64
C ALA A 266 -2.81 -13.70 16.53
N ARG A 267 -3.70 -12.81 16.06
CA ARG A 267 -4.87 -12.41 16.84
C ARG A 267 -6.07 -13.32 16.61
N PHE A 268 -6.08 -14.11 15.55
CA PHE A 268 -7.18 -15.02 15.23
C PHE A 268 -6.61 -16.42 15.03
N PRO A 269 -6.27 -17.13 16.12
CA PRO A 269 -5.71 -18.47 15.97
C PRO A 269 -6.64 -19.45 15.27
N GLY A 270 -7.95 -19.27 15.40
CA GLY A 270 -8.88 -20.11 14.67
C GLY A 270 -8.71 -19.99 13.16
N GLU A 271 -8.34 -18.81 12.68
CA GLU A 271 -8.08 -18.65 11.25
C GLU A 271 -6.73 -19.24 10.85
N LEU A 272 -5.76 -19.25 11.75
CA LEU A 272 -4.49 -19.90 11.46
C LEU A 272 -4.68 -21.41 11.31
N GLN A 273 -5.51 -22.01 12.15
CA GLN A 273 -5.74 -23.46 12.07
CA GLN A 273 -5.73 -23.45 12.07
C GLN A 273 -6.48 -23.83 10.79
N ARG A 274 -7.40 -22.98 10.33
CA ARG A 274 -8.06 -23.24 9.06
C ARG A 274 -7.08 -23.13 7.90
N LEU A 275 -6.14 -22.17 7.98
CA LEU A 275 -5.15 -22.03 6.93
C LEU A 275 -4.21 -23.22 6.89
N ARG A 276 -3.85 -23.76 8.05
CA ARG A 276 -3.01 -24.95 8.10
C ARG A 276 -3.71 -26.14 7.45
N SER A 277 -5.01 -26.29 7.69
CA SER A 277 -5.75 -27.42 7.14
C SER A 277 -5.86 -27.34 5.61
N ASP A 278 -5.89 -26.14 5.06
CA ASP A 278 -5.96 -25.95 3.62
C ASP A 278 -5.01 -24.80 3.25
N PRO A 279 -3.74 -25.11 2.99
CA PRO A 279 -2.80 -24.04 2.61
C PRO A 279 -3.15 -23.34 1.31
N THR A 280 -4.02 -23.92 0.49
CA THR A 280 -4.45 -23.24 -0.73
C THR A 280 -5.25 -21.97 -0.45
N LEU A 281 -5.67 -21.77 0.80
CA LEU A 281 -6.34 -20.54 1.22
C LEU A 281 -5.36 -19.39 1.44
N ALA A 282 -4.06 -19.61 1.18
CA ALA A 282 -3.06 -18.61 1.50
C ALA A 282 -3.27 -17.31 0.74
N ARG A 283 -3.63 -17.42 -0.55
CA ARG A 283 -3.80 -16.21 -1.36
C ARG A 283 -4.96 -15.37 -0.86
N ASN A 284 -6.07 -16.01 -0.50
CA ASN A 284 -7.22 -15.27 0.02
C ASN A 284 -6.99 -14.82 1.46
N ALA A 285 -6.22 -15.58 2.24
CA ALA A 285 -5.88 -15.14 3.59
C ALA A 285 -5.13 -13.81 3.55
N PHE A 286 -4.21 -13.66 2.59
CA PHE A 286 -3.49 -12.40 2.44
C PHE A 286 -4.42 -11.30 1.95
N GLU A 287 -5.30 -11.63 1.00
CA GLU A 287 -6.24 -10.63 0.49
C GLU A 287 -7.16 -10.12 1.59
N GLU A 288 -7.65 -11.03 2.44
CA GLU A 288 -8.49 -10.59 3.56
C GLU A 288 -7.69 -9.72 4.53
N ALA A 289 -6.41 -10.04 4.73
CA ALA A 289 -5.56 -9.19 5.56
C ALA A 289 -5.42 -7.80 4.95
N VAL A 290 -5.33 -7.72 3.61
CA VAL A 290 -5.24 -6.42 2.95
C VAL A 290 -6.51 -5.62 3.18
N ARG A 291 -7.66 -6.29 3.20
CA ARG A 291 -8.92 -5.60 3.48
C ARG A 291 -9.04 -5.27 4.97
N PHE A 292 -8.63 -6.20 5.83
CA PHE A 292 -8.83 -6.04 7.27
C PHE A 292 -8.01 -4.87 7.83
N GLU A 293 -6.73 -4.79 7.45
CA GLU A 293 -5.86 -3.76 7.98
C GLU A 293 -5.71 -2.56 7.04
N SER A 294 -5.83 -2.78 5.74
CA SER A 294 -5.70 -1.74 4.72
C SER A 294 -4.40 -0.97 4.84
N PRO A 295 -3.28 -1.58 4.44
CA PRO A 295 -1.97 -0.90 4.59
C PRO A 295 -1.96 0.52 4.05
N VAL A 296 -2.66 0.77 2.95
CA VAL A 296 -2.85 2.11 2.42
C VAL A 296 -4.19 2.59 2.96
N GLN A 297 -4.15 3.46 3.96
CA GLN A 297 -5.37 3.89 4.66
C GLN A 297 -6.11 4.96 3.87
N THR A 298 -5.39 5.97 3.37
CA THR A 298 -6.00 7.14 2.77
C THR A 298 -5.14 7.67 1.63
N PHE A 299 -5.80 8.41 0.73
CA PHE A 299 -5.15 9.35 -0.17
C PHE A 299 -6.24 10.23 -0.77
N PHE A 300 -5.82 11.22 -1.55
CA PHE A 300 -6.69 12.31 -1.95
C PHE A 300 -7.03 12.26 -3.43
N ARG A 301 -8.10 12.98 -3.78
CA ARG A 301 -8.39 13.38 -5.14
C ARG A 301 -8.71 14.88 -5.12
N THR A 302 -8.71 15.49 -6.30
CA THR A 302 -9.04 16.90 -6.45
C THR A 302 -10.15 17.05 -7.48
N THR A 303 -11.23 17.74 -7.09
CA THR A 303 -12.34 17.96 -8.00
C THR A 303 -11.92 18.92 -9.11
N THR A 304 -12.24 18.56 -10.35
CA THR A 304 -12.02 19.42 -11.50
C THR A 304 -13.26 20.21 -11.88
N ARG A 305 -14.30 20.13 -11.07
CA ARG A 305 -15.62 20.59 -11.46
C ARG A 305 -16.54 20.48 -10.25
N GLU A 306 -17.53 21.37 -10.19
CA GLU A 306 -18.54 21.34 -9.13
C GLU A 306 -19.39 20.08 -9.27
N VAL A 307 -19.23 19.14 -8.33
CA VAL A 307 -19.83 17.82 -8.44
C VAL A 307 -20.76 17.59 -7.26
N GLU A 308 -21.82 16.81 -7.51
CA GLU A 308 -22.73 16.36 -6.46
C GLU A 308 -22.39 14.92 -6.12
N LEU A 309 -22.07 14.66 -4.86
CA LEU A 309 -21.67 13.34 -4.38
C LEU A 309 -22.52 12.97 -3.18
N GLY A 310 -23.38 11.97 -3.35
CA GLY A 310 -24.22 11.50 -2.25
C GLY A 310 -25.19 12.54 -1.71
N GLY A 311 -25.53 13.54 -2.52
CA GLY A 311 -26.43 14.58 -2.09
C GLY A 311 -25.78 15.87 -1.63
N ALA A 312 -24.46 15.99 -1.75
CA ALA A 312 -23.74 17.18 -1.32
C ALA A 312 -22.98 17.76 -2.50
N VAL A 313 -22.96 19.09 -2.60
CA VAL A 313 -22.34 19.78 -3.72
C VAL A 313 -20.91 20.15 -3.33
N ILE A 314 -19.94 19.57 -4.04
CA ILE A 314 -18.52 19.83 -3.82
C ILE A 314 -18.02 20.71 -4.95
N GLY A 315 -17.40 21.83 -4.61
CA GLY A 315 -16.93 22.78 -5.59
C GLY A 315 -15.72 22.29 -6.35
N GLU A 316 -15.30 23.09 -7.33
CA GLU A 316 -14.13 22.79 -8.13
C GLU A 316 -12.86 23.03 -7.33
N GLY A 317 -11.82 22.27 -7.65
CA GLY A 317 -10.53 22.45 -7.03
C GLY A 317 -10.49 22.13 -5.56
N GLU A 318 -11.33 21.19 -5.10
CA GLU A 318 -11.38 20.81 -3.69
C GLU A 318 -10.75 19.45 -3.50
N LYS A 319 -9.97 19.30 -2.44
CA LYS A 319 -9.36 18.02 -2.10
C LYS A 319 -10.41 17.11 -1.47
N VAL A 320 -10.45 15.85 -1.91
CA VAL A 320 -11.38 14.86 -1.40
C VAL A 320 -10.54 13.73 -0.78
N LEU A 321 -10.70 13.53 0.53
CA LEU A 321 -9.95 12.52 1.27
C LEU A 321 -10.77 11.24 1.33
N MET A 322 -10.22 10.16 0.78
CA MET A 322 -10.86 8.85 0.79
C MET A 322 -10.27 7.99 1.89
N PHE A 323 -11.14 7.43 2.74
CA PHE A 323 -10.72 6.55 3.82
C PHE A 323 -10.89 5.11 3.32
N LEU A 324 -9.82 4.56 2.73
CA LEU A 324 -9.87 3.20 2.19
C LEU A 324 -10.11 2.18 3.29
N GLY A 325 -9.42 2.32 4.43
CA GLY A 325 -9.60 1.39 5.52
C GLY A 325 -11.00 1.43 6.10
N SER A 326 -11.62 2.62 6.14
CA SER A 326 -12.98 2.71 6.62
C SER A 326 -13.95 2.11 5.61
N ALA A 327 -13.69 2.29 4.32
CA ALA A 327 -14.52 1.68 3.29
C ALA A 327 -14.45 0.16 3.34
N ASN A 328 -13.28 -0.39 3.69
CA ASN A 328 -13.12 -1.82 3.80
C ASN A 328 -13.72 -2.40 5.08
N ARG A 329 -14.21 -1.54 5.99
CA ARG A 329 -14.87 -1.98 7.21
C ARG A 329 -16.29 -1.44 7.33
N ASP A 330 -16.86 -0.97 6.23
CA ASP A 330 -18.19 -0.38 6.24
C ASP A 330 -19.24 -1.48 6.35
N PRO A 331 -20.05 -1.51 7.42
CA PRO A 331 -21.08 -2.54 7.53
C PRO A 331 -22.19 -2.42 6.51
N ARG A 332 -22.30 -1.29 5.82
CA ARG A 332 -23.26 -1.18 4.72
C ARG A 332 -22.85 -2.03 3.53
N ARG A 333 -21.58 -2.47 3.47
CA ARG A 333 -21.06 -3.26 2.37
C ARG A 333 -20.56 -4.62 2.81
N TRP A 334 -19.98 -4.73 4.00
CA TRP A 334 -19.34 -5.96 4.46
C TRP A 334 -20.11 -6.54 5.64
N SER A 335 -20.40 -7.83 5.58
CA SER A 335 -20.98 -8.54 6.71
C SER A 335 -19.88 -8.85 7.73
N ASP A 336 -20.07 -8.37 8.96
CA ASP A 336 -19.10 -8.52 10.04
C ASP A 336 -17.73 -8.02 9.60
N PRO A 337 -17.57 -6.72 9.42
CA PRO A 337 -16.30 -6.22 8.84
C PRO A 337 -15.14 -6.25 9.81
N ASP A 338 -15.39 -6.27 11.12
CA ASP A 338 -14.32 -6.35 12.10
C ASP A 338 -13.84 -7.77 12.32
N LEU A 339 -14.28 -8.71 11.50
CA LEU A 339 -13.91 -10.11 11.61
C LEU A 339 -12.92 -10.47 10.51
N TYR A 340 -11.80 -11.07 10.89
CA TYR A 340 -10.81 -11.56 9.94
C TYR A 340 -11.24 -12.95 9.50
N ASP A 341 -11.65 -13.09 8.24
CA ASP A 341 -12.21 -14.33 7.70
C ASP A 341 -11.48 -14.67 6.41
N ILE A 342 -10.63 -15.71 6.46
CA ILE A 342 -9.82 -16.07 5.31
C ILE A 342 -10.63 -16.70 4.18
N THR A 343 -11.89 -17.07 4.43
CA THR A 343 -12.76 -17.57 3.37
C THR A 343 -13.78 -16.55 2.92
N ARG A 344 -13.68 -15.31 3.39
CA ARG A 344 -14.58 -14.26 2.94
C ARG A 344 -14.33 -13.95 1.48
N LYS A 345 -15.42 -13.68 0.74
CA LYS A 345 -15.32 -13.24 -0.65
C LYS A 345 -14.98 -11.74 -0.63
N THR A 346 -13.68 -11.45 -0.66
CA THR A 346 -13.16 -10.09 -0.57
C THR A 346 -13.31 -9.32 -1.87
N SER A 347 -13.95 -9.89 -2.88
CA SER A 347 -14.09 -9.22 -4.17
C SER A 347 -14.78 -7.87 -4.02
N GLY A 348 -14.08 -6.81 -4.43
CA GLY A 348 -14.61 -5.47 -4.38
C GLY A 348 -13.95 -4.57 -3.36
N HIS A 349 -13.10 -5.10 -2.48
CA HIS A 349 -12.43 -4.26 -1.50
C HIS A 349 -11.47 -3.30 -2.20
N VAL A 350 -11.23 -2.16 -1.55
CA VAL A 350 -10.44 -1.09 -2.16
C VAL A 350 -9.09 -0.96 -1.47
N GLY A 351 -8.59 -2.07 -0.91
CA GLY A 351 -7.24 -2.06 -0.37
C GLY A 351 -6.18 -1.80 -1.42
N PHE A 352 -6.40 -2.27 -2.64
CA PHE A 352 -5.53 -1.98 -3.77
C PHE A 352 -6.06 -0.87 -4.66
N GLY A 353 -7.08 -0.15 -4.19
CA GLY A 353 -7.72 0.84 -5.03
C GLY A 353 -8.82 0.24 -5.88
N SER A 354 -9.22 1.00 -6.91
CA SER A 354 -10.24 0.57 -7.84
C SER A 354 -10.25 1.55 -9.01
N GLY A 355 -10.43 1.03 -10.23
CA GLY A 355 -10.47 1.87 -11.39
C GLY A 355 -9.16 1.94 -12.15
N VAL A 356 -8.96 3.03 -12.89
CA VAL A 356 -7.79 3.14 -13.78
C VAL A 356 -6.47 3.18 -13.00
N HIS A 357 -6.49 3.57 -11.73
CA HIS A 357 -5.28 3.67 -10.94
C HIS A 357 -5.08 2.49 -9.99
N MET A 358 -5.97 1.49 -10.03
CA MET A 358 -5.85 0.35 -9.13
C MET A 358 -4.45 -0.24 -9.21
N CYS A 359 -3.89 -0.57 -8.04
CA CYS A 359 -2.47 -0.86 -7.88
C CYS A 359 -1.93 -1.73 -9.00
N VAL A 360 -0.98 -1.18 -9.76
CA VAL A 360 -0.40 -1.89 -10.89
C VAL A 360 0.52 -3.01 -10.42
N GLY A 361 0.94 -3.00 -9.16
CA GLY A 361 1.80 -4.05 -8.64
C GLY A 361 1.08 -5.01 -7.72
N GLN A 362 -0.24 -5.15 -7.90
CA GLN A 362 -1.02 -6.02 -7.03
C GLN A 362 -0.65 -7.49 -7.23
N LEU A 363 -0.17 -7.86 -8.42
CA LEU A 363 0.22 -9.24 -8.66
C LEU A 363 1.51 -9.59 -7.93
N VAL A 364 2.45 -8.64 -7.86
CA VAL A 364 3.67 -8.86 -7.09
C VAL A 364 3.36 -8.98 -5.61
N ALA A 365 2.51 -8.07 -5.09
CA ALA A 365 2.16 -8.10 -3.67
C ALA A 365 1.43 -9.39 -3.31
N ARG A 366 0.47 -9.79 -4.15
CA ARG A 366 -0.27 -11.02 -3.86
C ARG A 366 0.62 -12.24 -3.94
N LEU A 367 1.58 -12.26 -4.86
CA LEU A 367 2.53 -13.35 -4.94
C LEU A 367 3.36 -13.46 -3.66
N GLU A 368 3.90 -12.33 -3.19
CA GLU A 368 4.70 -12.35 -1.96
C GLU A 368 3.86 -12.76 -0.76
N GLY A 369 2.65 -12.24 -0.65
CA GLY A 369 1.80 -12.59 0.48
C GLY A 369 1.35 -14.04 0.44
N GLU A 370 1.02 -14.54 -0.75
CA GLU A 370 0.56 -15.93 -0.87
C GLU A 370 1.66 -16.91 -0.47
N VAL A 371 2.86 -16.75 -1.04
CA VAL A 371 3.91 -17.73 -0.78
C VAL A 371 4.44 -17.63 0.65
N MET A 372 4.31 -16.47 1.29
CA MET A 372 4.71 -16.38 2.69
C MET A 372 3.66 -17.03 3.60
N LEU A 373 2.38 -16.77 3.35
CA LEU A 373 1.34 -17.39 4.16
C LEU A 373 1.23 -18.88 3.86
N SER A 374 1.55 -19.29 2.62
CA SER A 374 1.63 -20.71 2.31
C SER A 374 2.75 -21.38 3.09
N ALA A 375 3.91 -20.73 3.20
CA ALA A 375 5.02 -21.31 3.95
C ALA A 375 4.68 -21.41 5.44
N LEU A 376 4.01 -20.39 5.98
CA LEU A 376 3.59 -20.46 7.37
C LEU A 376 2.55 -21.55 7.59
N ALA A 377 1.64 -21.73 6.64
CA ALA A 377 0.60 -22.74 6.78
C ALA A 377 1.19 -24.14 6.83
N ARG A 378 2.26 -24.38 6.06
CA ARG A 378 2.84 -25.71 5.96
C ARG A 378 3.88 -26.00 7.03
N LYS A 379 4.40 -24.99 7.72
CA LYS A 379 5.52 -25.16 8.62
C LYS A 379 5.25 -24.76 10.06
N VAL A 380 4.25 -23.91 10.31
CA VAL A 380 4.03 -23.32 11.63
C VAL A 380 2.76 -23.89 12.23
N ALA A 381 2.81 -24.22 13.51
CA ALA A 381 1.66 -24.73 14.25
C ALA A 381 0.94 -23.66 15.05
N ALA A 382 1.67 -22.69 15.61
CA ALA A 382 1.05 -21.63 16.39
C ALA A 382 1.89 -20.36 16.27
N ILE A 383 1.21 -19.23 16.39
CA ILE A 383 1.84 -17.91 16.38
C ILE A 383 1.32 -17.15 17.60
N ASP A 384 2.17 -16.95 18.59
CA ASP A 384 1.78 -16.35 19.86
C ASP A 384 2.60 -15.08 20.10
N ILE A 385 1.90 -13.98 20.37
CA ILE A 385 2.58 -12.74 20.75
C ILE A 385 3.21 -12.93 22.11
N ASP A 386 4.50 -12.59 22.23
CA ASP A 386 5.23 -12.76 23.47
C ASP A 386 6.06 -11.52 23.80
N GLY A 387 5.56 -10.34 23.43
CA GLY A 387 6.26 -9.11 23.69
C GLY A 387 5.43 -7.89 23.36
N PRO A 388 5.93 -6.71 23.72
CA PRO A 388 5.15 -5.48 23.48
C PRO A 388 4.99 -5.20 21.99
N VAL A 389 3.75 -4.99 21.58
CA VAL A 389 3.44 -4.63 20.20
C VAL A 389 3.57 -3.12 20.06
N LYS A 390 4.38 -2.69 19.10
CA LYS A 390 4.63 -1.27 18.85
C LYS A 390 4.11 -0.91 17.45
N ARG A 391 3.34 0.17 17.37
CA ARG A 391 2.74 0.59 16.12
C ARG A 391 3.62 1.60 15.41
N ARG A 392 3.77 1.44 14.10
CA ARG A 392 4.49 2.39 13.27
C ARG A 392 3.51 3.44 12.76
N PHE A 393 3.86 4.70 12.94
CA PHE A 393 2.98 5.81 12.59
C PHE A 393 3.38 6.41 11.25
N ASN A 394 2.40 6.61 10.38
CA ASN A 394 2.62 7.15 9.05
C ASN A 394 1.36 7.86 8.59
N ASN A 395 1.54 8.93 7.82
CA ASN A 395 0.41 9.72 7.35
C ASN A 395 -0.50 8.92 6.42
N THR A 396 0.06 7.96 5.69
CA THR A 396 -0.69 7.14 4.76
C THR A 396 -0.72 5.67 5.12
N LEU A 397 0.37 5.15 5.68
CA LEU A 397 0.49 3.72 5.95
C LEU A 397 0.05 3.38 7.36
N ARG A 398 -0.64 2.25 7.50
CA ARG A 398 -0.94 1.66 8.80
C ARG A 398 -0.19 0.34 8.91
N GLY A 399 0.61 0.21 9.96
CA GLY A 399 1.40 -1.00 10.13
C GLY A 399 2.05 -1.01 11.49
N LEU A 400 2.71 -2.11 11.79
CA LEU A 400 3.33 -2.33 13.08
C LEU A 400 4.82 -1.98 13.01
N GLU A 401 5.32 -1.37 14.08
CA GLU A 401 6.75 -1.12 14.20
C GLU A 401 7.49 -2.38 14.65
N SER A 402 6.86 -3.18 15.52
CA SER A 402 7.47 -4.39 16.04
C SER A 402 6.37 -5.34 16.48
N LEU A 403 6.54 -6.63 16.15
CA LEU A 403 5.58 -7.67 16.50
C LEU A 403 6.32 -8.89 17.04
N PRO A 404 6.64 -8.89 18.33
CA PRO A 404 7.35 -10.05 18.92
C PRO A 404 6.42 -11.25 18.99
N VAL A 405 6.79 -12.33 18.31
CA VAL A 405 6.00 -13.54 18.27
C VAL A 405 6.91 -14.74 18.53
N LYS A 406 6.30 -15.79 19.05
CA LYS A 406 6.96 -17.09 19.20
C LYS A 406 6.36 -18.03 18.15
N LEU A 407 7.21 -18.57 17.29
CA LEU A 407 6.79 -19.50 16.24
C LEU A 407 6.98 -20.92 16.74
N THR A 408 5.90 -21.70 16.73
CA THR A 408 5.97 -23.12 17.09
C THR A 408 5.99 -23.95 15.83
N PRO A 409 7.00 -24.82 15.64
CA PRO A 409 7.03 -25.63 14.41
C PRO A 409 5.88 -26.62 14.38
N ALA A 410 5.35 -26.84 13.18
CA ALA A 410 4.27 -27.78 12.97
C ALA A 410 4.77 -29.22 13.08
#